data_3E1T
#
_entry.id   3E1T
#
_cell.length_a   51.918
_cell.length_b   99.213
_cell.length_c   101.774
_cell.angle_alpha   90.00
_cell.angle_beta   90.00
_cell.angle_gamma   90.00
#
_symmetry.space_group_name_H-M   'P 21 21 21'
#
loop_
_entity.id
_entity.type
_entity.pdbx_description
1 polymer Halogenase
2 non-polymer 'CHLORIDE ION'
3 non-polymer 'FLAVIN-ADENINE DINUCLEOTIDE'
4 water water
#
_entity_poly.entity_id   1
_entity_poly.type   'polypeptide(L)'
_entity_poly.pdbx_seq_one_letter_code
;MSTRPEVFDLIVIGGGPGGSTLASFVAMRGHRVLLLEREAFPRHQIGESLLPATVHGICAMLGLTDEMKRAGFPIKRGGT
FRWGKEPEPWTFGFTRHPDDPYGFAYQVERARFDDMLLRNSERKGVDVRERHEVIDVLFEGERAVGVRYRNTEGVELMAH
ARFIVDASGNRTRVSQAVGERVYSRFFQNVALYGYFENGKRLPAPRQGNILSAAFQDGWFWYIPLSDTLTSVGAVVSREA
AEAIKDGHEAALLRYIDRCPIIKEYLAPATRVTTGDYGEIRIRKDYSYCNTSFWKNGMALVGDAACFVDPVFSSGVHLAT
YSALLVARAINTCLAGEMSEQRCFEEFERRYRREYGNFYQFLVAFYDMNQDTDSYFWSARKIINTEERANEAFVRLIAGR
SNLDEPVFQSVAKDFFTEREGFGAWFGGLVTSMAKGDGGGLMVGEGATDATESTGFAPENFMQGFTREITELQHLAMFGE
DRGPETPLWSGGLVPSRDGLAWAVESGEDAAG
;
_entity_poly.pdbx_strand_id   A
#
# COMPACT_ATOMS: atom_id res chain seq x y z
N PRO A 5 -20.25 4.55 -29.32
CA PRO A 5 -19.47 4.26 -28.13
C PRO A 5 -17.99 4.58 -28.36
N GLU A 6 -17.44 5.38 -27.45
CA GLU A 6 -16.13 6.01 -27.63
C GLU A 6 -14.98 5.01 -27.65
N VAL A 7 -13.94 5.30 -28.42
CA VAL A 7 -12.76 4.44 -28.53
C VAL A 7 -11.50 5.13 -28.01
N PHE A 8 -10.74 4.41 -27.17
CA PHE A 8 -9.53 4.96 -26.54
C PHE A 8 -8.34 4.01 -26.72
N ASP A 9 -7.15 4.44 -26.35
CA ASP A 9 -6.03 3.49 -26.29
C ASP A 9 -6.12 2.73 -24.95
N LEU A 10 -6.60 3.41 -23.90
CA LEU A 10 -6.60 2.87 -22.54
C LEU A 10 -7.77 3.41 -21.75
N ILE A 11 -8.46 2.53 -21.03
CA ILE A 11 -9.43 2.95 -20.01
C ILE A 11 -8.93 2.53 -18.64
N VAL A 12 -8.81 3.52 -17.75
CA VAL A 12 -8.43 3.27 -16.36
C VAL A 12 -9.64 3.42 -15.45
N ILE A 13 -9.86 2.41 -14.63
CA ILE A 13 -10.94 2.38 -13.67
C ILE A 13 -10.44 2.78 -12.27
N GLY A 14 -10.70 4.02 -11.89
CA GLY A 14 -10.36 4.54 -10.56
C GLY A 14 -9.31 5.62 -10.67
N GLY A 15 -9.45 6.69 -9.88
CA GLY A 15 -8.54 7.81 -9.95
C GLY A 15 -7.72 8.10 -8.70
N GLY A 16 -7.45 7.07 -7.89
CA GLY A 16 -6.52 7.20 -6.77
C GLY A 16 -5.12 7.24 -7.34
N PRO A 17 -4.07 7.17 -6.48
CA PRO A 17 -2.70 7.29 -6.98
C PRO A 17 -2.30 6.26 -8.03
N GLY A 18 -2.78 5.03 -7.93
CA GLY A 18 -2.54 4.03 -8.97
C GLY A 18 -3.09 4.45 -10.33
N GLY A 19 -4.39 4.75 -10.37
CA GLY A 19 -5.07 5.11 -11.61
C GLY A 19 -4.61 6.41 -12.27
N SER A 20 -4.55 7.49 -11.49
CA SER A 20 -4.10 8.77 -12.02
C SER A 20 -2.66 8.70 -12.52
N THR A 21 -1.81 7.96 -11.82
CA THR A 21 -0.40 7.82 -12.19
C THR A 21 -0.21 7.10 -13.53
N LEU A 22 -0.89 5.97 -13.69
CA LEU A 22 -0.90 5.23 -14.95
C LEU A 22 -1.49 6.07 -16.11
N ALA A 23 -2.65 6.66 -15.89
CA ALA A 23 -3.28 7.50 -16.90
C ALA A 23 -2.32 8.59 -17.38
N SER A 24 -1.75 9.35 -16.43
CA SER A 24 -0.78 10.41 -16.78
C SER A 24 0.37 9.91 -17.63
N PHE A 25 0.98 8.78 -17.25
CA PHE A 25 2.18 8.26 -17.92
C PHE A 25 1.96 7.78 -19.36
N VAL A 26 0.75 7.33 -19.67
CA VAL A 26 0.45 6.89 -21.02
C VAL A 26 0.07 8.10 -21.89
N ALA A 27 -0.72 9.01 -21.34
CA ALA A 27 -1.10 10.24 -22.02
C ALA A 27 0.12 11.11 -22.34
N MET A 28 1.08 11.15 -21.43
CA MET A 28 2.37 11.83 -21.62
C MET A 28 3.13 11.34 -22.86
N ARG A 29 2.79 10.13 -23.33
CA ARG A 29 3.42 9.54 -24.50
C ARG A 29 2.57 9.83 -25.74
N GLY A 30 1.44 10.52 -25.54
CA GLY A 30 0.59 10.96 -26.63
C GLY A 30 -0.44 9.92 -27.05
N HIS A 31 -1.10 9.30 -26.08
CA HIS A 31 -2.12 8.30 -26.36
C HIS A 31 -3.46 8.75 -25.82
N ARG A 32 -4.54 8.15 -26.32
CA ARG A 32 -5.90 8.48 -25.88
C ARG A 32 -6.26 7.66 -24.64
N VAL A 33 -6.39 8.33 -23.50
CA VAL A 33 -6.82 7.63 -22.29
C VAL A 33 -8.02 8.26 -21.62
N LEU A 34 -8.96 7.39 -21.23
CA LEU A 34 -10.10 7.73 -20.41
C LEU A 34 -9.85 7.18 -19.01
N LEU A 35 -10.23 7.95 -18.00
CA LEU A 35 -10.16 7.49 -16.63
C LEU A 35 -11.50 7.78 -15.98
N LEU A 36 -12.13 6.72 -15.49
CA LEU A 36 -13.43 6.81 -14.81
C LEU A 36 -13.29 6.65 -13.28
N GLU A 37 -13.79 7.63 -12.54
CA GLU A 37 -13.73 7.63 -11.08
C GLU A 37 -15.12 7.75 -10.47
N ARG A 38 -15.45 6.83 -9.56
CA ARG A 38 -16.78 6.70 -8.99
C ARG A 38 -17.20 7.93 -8.16
N GLU A 39 -16.23 8.50 -7.44
CA GLU A 39 -16.47 9.60 -6.51
C GLU A 39 -16.24 10.95 -7.20
N ALA A 40 -16.71 12.01 -6.56
CA ALA A 40 -16.35 13.38 -6.92
C ALA A 40 -15.21 13.81 -6.00
N PHE A 41 -14.10 14.25 -6.60
CA PHE A 41 -12.96 14.69 -5.83
C PHE A 41 -13.17 16.12 -5.31
N PRO A 42 -12.52 16.47 -4.18
CA PRO A 42 -11.67 15.60 -3.35
C PRO A 42 -12.48 14.68 -2.43
N ARG A 43 -11.92 13.50 -2.13
CA ARG A 43 -12.59 12.53 -1.24
C ARG A 43 -11.61 11.85 -0.27
N HIS A 44 -12.09 11.53 0.92
CA HIS A 44 -11.26 10.88 1.94
C HIS A 44 -10.87 9.46 1.54
N GLN A 45 -9.61 9.14 1.77
CA GLN A 45 -9.11 7.78 1.69
C GLN A 45 -7.95 7.62 2.71
N ILE A 46 -7.85 6.44 3.32
CA ILE A 46 -6.73 6.12 4.22
C ILE A 46 -5.48 5.84 3.38
N GLY A 47 -4.29 6.03 3.95
CA GLY A 47 -3.04 5.79 3.24
C GLY A 47 -2.23 7.06 3.07
N GLU A 48 -1.78 7.61 4.19
CA GLU A 48 -1.30 8.99 4.30
C GLU A 48 0.23 9.15 4.36
N SER A 49 0.91 8.13 4.86
CA SER A 49 2.37 8.20 5.00
C SER A 49 3.08 7.68 3.75
N LEU A 50 3.90 8.53 3.15
CA LEU A 50 4.52 8.23 1.86
C LEU A 50 6.01 7.90 1.96
N LEU A 51 6.54 7.38 0.85
CA LEU A 51 7.94 6.99 0.72
C LEU A 51 8.65 7.89 -0.29
N PRO A 52 9.99 8.00 -0.17
CA PRO A 52 10.83 8.77 -1.09
C PRO A 52 10.78 8.33 -2.56
N ALA A 53 10.58 7.03 -2.80
CA ALA A 53 10.52 6.52 -4.18
C ALA A 53 9.33 7.13 -4.95
N THR A 54 8.25 7.41 -4.24
CA THR A 54 7.07 8.06 -4.79
C THR A 54 7.25 9.58 -4.84
N VAL A 55 7.70 10.17 -3.73
CA VAL A 55 7.89 11.61 -3.65
C VAL A 55 8.99 12.14 -4.59
N HIS A 56 10.14 11.46 -4.62
CA HIS A 56 11.26 11.93 -5.43
C HIS A 56 11.42 11.22 -6.78
N GLY A 57 10.86 10.02 -6.87
CA GLY A 57 10.89 9.27 -8.12
C GLY A 57 9.65 9.51 -8.95
N ILE A 58 8.52 8.97 -8.51
CA ILE A 58 7.27 9.01 -9.28
C ILE A 58 6.78 10.44 -9.51
N CYS A 59 6.61 11.20 -8.42
CA CYS A 59 6.08 12.55 -8.49
C CYS A 59 6.95 13.53 -9.28
N ALA A 60 8.25 13.21 -9.40
CA ALA A 60 9.18 14.00 -10.21
C ALA A 60 8.95 13.71 -11.69
N MET A 61 8.83 12.42 -12.02
CA MET A 61 8.52 11.96 -13.37
C MET A 61 7.17 12.50 -13.86
N LEU A 62 6.22 12.63 -12.93
CA LEU A 62 4.92 13.22 -13.24
C LEU A 62 4.97 14.75 -13.33
N GLY A 63 6.07 15.34 -12.88
CA GLY A 63 6.25 16.79 -12.86
C GLY A 63 5.44 17.48 -11.78
N LEU A 64 5.45 16.93 -10.57
CA LEU A 64 4.70 17.50 -9.47
C LEU A 64 5.57 18.00 -8.31
N THR A 65 6.90 17.91 -8.47
CA THR A 65 7.83 18.33 -7.42
C THR A 65 7.43 19.66 -6.79
N ASP A 66 7.33 20.71 -7.61
CA ASP A 66 7.08 22.06 -7.11
C ASP A 66 5.73 22.16 -6.41
N GLU A 67 4.70 21.56 -7.01
CA GLU A 67 3.35 21.59 -6.44
C GLU A 67 3.25 20.83 -5.10
N MET A 68 4.05 19.78 -4.94
CA MET A 68 4.14 19.04 -3.68
C MET A 68 4.71 19.93 -2.57
N LYS A 69 5.77 20.67 -2.90
CA LYS A 69 6.43 21.59 -1.96
C LYS A 69 5.48 22.65 -1.40
N ARG A 70 4.62 23.16 -2.26
CA ARG A 70 3.77 24.32 -1.95
C ARG A 70 2.53 23.91 -1.16
N ALA A 71 2.34 22.59 -1.05
CA ALA A 71 1.13 22.02 -0.46
C ALA A 71 1.05 22.14 1.06
N GLY A 72 2.19 22.21 1.72
CA GLY A 72 2.23 22.30 3.18
C GLY A 72 2.01 20.95 3.85
N PHE A 73 2.49 19.90 3.20
CA PHE A 73 2.48 18.56 3.77
C PHE A 73 3.68 18.46 4.70
N PRO A 74 3.47 17.98 5.95
CA PRO A 74 4.61 17.71 6.84
C PRO A 74 5.68 16.85 6.17
N ILE A 75 6.94 17.17 6.45
CA ILE A 75 8.09 16.51 5.83
C ILE A 75 8.52 15.32 6.66
N LYS A 76 8.49 14.15 6.05
CA LYS A 76 8.79 12.89 6.74
C LYS A 76 10.23 12.44 6.43
N ARG A 77 11.07 12.47 7.46
CA ARG A 77 12.49 12.12 7.31
C ARG A 77 12.76 10.65 7.61
N GLY A 78 11.78 9.99 8.20
CA GLY A 78 11.91 8.59 8.60
C GLY A 78 10.81 8.31 9.59
N GLY A 79 11.08 7.39 10.51
CA GLY A 79 10.07 7.04 11.51
C GLY A 79 10.62 6.61 12.85
N THR A 80 9.75 6.63 13.84
CA THR A 80 10.06 6.18 15.17
C THR A 80 9.21 4.95 15.50
N PHE A 81 9.84 3.96 16.12
CA PHE A 81 9.17 2.72 16.50
C PHE A 81 9.34 2.41 17.98
N ARG A 82 8.22 2.09 18.62
CA ARG A 82 8.25 1.35 19.88
C ARG A 82 7.86 -0.10 19.55
N TRP A 83 8.89 -0.93 19.41
CA TRP A 83 8.76 -2.21 18.74
C TRP A 83 10.02 -3.02 18.95
N GLY A 84 9.84 -4.29 19.27
CA GLY A 84 10.96 -5.21 19.45
C GLY A 84 11.19 -5.57 20.92
N LYS A 85 12.46 -5.78 21.24
CA LYS A 85 12.90 -6.20 22.57
C LYS A 85 12.85 -5.06 23.60
N GLU A 86 13.41 -3.90 23.26
CA GLU A 86 13.54 -2.78 24.20
C GLU A 86 12.25 -1.94 24.26
N PRO A 87 11.91 -1.40 25.45
CA PRO A 87 10.77 -0.49 25.59
C PRO A 87 11.00 0.92 25.03
N GLU A 88 12.26 1.34 24.96
CA GLU A 88 12.60 2.67 24.48
C GLU A 88 12.47 2.75 22.95
N PRO A 89 11.83 3.81 22.45
CA PRO A 89 11.62 4.02 21.02
C PRO A 89 12.92 4.23 20.26
N TRP A 90 13.02 3.58 19.09
CA TRP A 90 14.13 3.78 18.18
C TRP A 90 13.67 4.45 16.87
N THR A 91 14.62 4.97 16.10
CA THR A 91 14.32 5.76 14.91
C THR A 91 15.10 5.26 13.70
N PHE A 92 14.55 5.49 12.51
CA PHE A 92 15.30 5.27 11.27
C PHE A 92 15.17 6.52 10.43
N GLY A 93 16.13 6.74 9.55
CA GLY A 93 16.08 7.84 8.59
C GLY A 93 16.28 7.29 7.20
N PHE A 94 15.67 7.93 6.21
CA PHE A 94 15.80 7.47 4.83
C PHE A 94 17.23 7.65 4.32
N THR A 95 17.89 8.72 4.75
CA THR A 95 19.29 8.98 4.36
C THR A 95 20.08 9.57 5.52
N ARG A 96 21.40 9.33 5.48
CA ARG A 96 22.34 9.81 6.50
C ARG A 96 22.35 11.34 6.65
N HIS A 97 22.22 12.04 5.52
CA HIS A 97 22.12 13.51 5.53
C HIS A 97 20.70 13.93 5.14
N PRO A 98 20.26 15.12 5.60
CA PRO A 98 18.86 15.50 5.35
C PRO A 98 18.52 15.71 3.86
N ASP A 99 19.45 16.25 3.09
CA ASP A 99 19.13 16.76 1.76
C ASP A 99 19.75 16.02 0.57
N ASP A 100 20.44 14.90 0.83
CA ASP A 100 20.94 14.08 -0.28
C ASP A 100 19.82 13.24 -0.92
N PRO A 101 20.05 12.68 -2.13
CA PRO A 101 18.95 12.15 -2.97
C PRO A 101 18.00 11.18 -2.25
N TYR A 102 16.71 11.34 -2.52
CA TYR A 102 15.64 10.54 -1.90
C TYR A 102 15.63 10.64 -0.38
N GLY A 103 15.89 11.85 0.12
CA GLY A 103 16.11 12.06 1.54
C GLY A 103 14.87 12.06 2.42
N PHE A 104 13.72 12.40 1.84
CA PHE A 104 12.49 12.58 2.62
C PHE A 104 11.22 12.24 1.84
N ALA A 105 10.09 12.27 2.53
CA ALA A 105 8.78 12.13 1.91
C ALA A 105 7.80 13.07 2.61
N TYR A 106 6.51 12.85 2.38
CA TYR A 106 5.48 13.67 3.00
C TYR A 106 4.44 12.85 3.73
N GLN A 107 3.75 13.48 4.67
CA GLN A 107 2.55 12.95 5.30
C GLN A 107 1.39 13.70 4.68
N VAL A 108 0.54 12.99 3.93
CA VAL A 108 -0.44 13.68 3.09
C VAL A 108 -1.87 13.41 3.48
N GLU A 109 -2.69 14.47 3.39
CA GLU A 109 -4.12 14.31 3.39
C GLU A 109 -4.44 13.73 2.02
N ARG A 110 -4.98 12.51 2.02
CA ARG A 110 -5.20 11.79 0.77
C ARG A 110 -6.21 12.49 -0.14
N ALA A 111 -7.25 13.06 0.47
CA ALA A 111 -8.23 13.88 -0.26
C ALA A 111 -7.52 14.88 -1.16
N ARG A 112 -6.62 15.68 -0.57
CA ARG A 112 -5.87 16.73 -1.28
C ARG A 112 -4.83 16.16 -2.21
N PHE A 113 -4.20 15.07 -1.77
CA PHE A 113 -3.12 14.46 -2.53
C PHE A 113 -3.63 13.79 -3.80
N ASP A 114 -4.69 12.98 -3.66
CA ASP A 114 -5.29 12.31 -4.82
C ASP A 114 -5.84 13.35 -5.79
N ASP A 115 -6.57 14.33 -5.25
CA ASP A 115 -7.15 15.43 -6.06
C ASP A 115 -6.03 16.14 -6.83
N MET A 116 -4.98 16.53 -6.13
CA MET A 116 -3.79 17.09 -6.75
C MET A 116 -3.29 16.20 -7.89
N LEU A 117 -3.20 14.91 -7.66
CA LEU A 117 -2.76 13.95 -8.67
C LEU A 117 -3.71 13.82 -9.86
N LEU A 118 -5.02 13.87 -9.61
CA LEU A 118 -6.01 13.67 -10.67
C LEU A 118 -6.09 14.90 -11.57
N ARG A 119 -5.99 16.08 -10.96
CA ARG A 119 -5.88 17.34 -11.69
C ARG A 119 -4.68 17.33 -12.64
N ASN A 120 -3.55 16.77 -12.19
CA ASN A 120 -2.34 16.66 -13.00
C ASN A 120 -2.53 15.74 -14.19
N SER A 121 -3.39 14.72 -14.01
CA SER A 121 -3.77 13.80 -15.10
C SER A 121 -4.41 14.57 -16.24
N GLU A 122 -5.41 15.39 -15.89
CA GLU A 122 -6.12 16.21 -16.86
C GLU A 122 -5.15 17.04 -17.68
N ARG A 123 -4.35 17.84 -16.98
CA ARG A 123 -3.31 18.67 -17.57
C ARG A 123 -2.29 17.90 -18.40
N LYS A 124 -2.14 16.61 -18.13
CA LYS A 124 -1.22 15.77 -18.94
C LYS A 124 -1.92 15.26 -20.17
N GLY A 125 -3.23 15.49 -20.24
CA GLY A 125 -4.02 15.14 -21.41
C GLY A 125 -5.00 14.01 -21.22
N VAL A 126 -5.24 13.64 -19.95
CA VAL A 126 -6.13 12.51 -19.65
C VAL A 126 -7.58 12.99 -19.60
N ASP A 127 -8.45 12.22 -20.25
CA ASP A 127 -9.88 12.45 -20.21
C ASP A 127 -10.45 11.87 -18.90
N VAL A 128 -10.40 12.63 -17.81
CA VAL A 128 -10.91 12.10 -16.54
C VAL A 128 -12.34 12.54 -16.29
N ARG A 129 -13.15 11.60 -15.81
CA ARG A 129 -14.56 11.85 -15.57
C ARG A 129 -14.98 11.29 -14.22
N GLU A 130 -15.27 12.20 -13.29
CA GLU A 130 -15.73 11.84 -11.96
C GLU A 130 -17.21 11.48 -12.00
N ARG A 131 -17.75 11.02 -10.87
CA ARG A 131 -19.14 10.54 -10.76
C ARG A 131 -19.51 9.42 -11.74
N HIS A 132 -18.49 8.71 -12.24
CA HIS A 132 -18.66 7.64 -13.20
C HIS A 132 -18.21 6.30 -12.60
N GLU A 133 -19.18 5.41 -12.36
CA GLU A 133 -18.90 4.09 -11.78
C GLU A 133 -18.87 2.97 -12.82
N VAL A 134 -17.71 2.33 -12.97
CA VAL A 134 -17.59 1.14 -13.83
C VAL A 134 -18.32 -0.04 -13.21
N ILE A 135 -19.08 -0.74 -14.04
CA ILE A 135 -19.98 -1.81 -13.62
C ILE A 135 -19.42 -3.16 -14.04
N ASP A 136 -18.87 -3.20 -15.25
CA ASP A 136 -18.36 -4.43 -15.83
C ASP A 136 -17.27 -4.09 -16.81
N VAL A 137 -16.29 -4.98 -16.92
CA VAL A 137 -15.36 -4.98 -18.04
C VAL A 137 -15.91 -5.94 -19.12
N LEU A 138 -15.86 -5.52 -20.38
CA LEU A 138 -16.44 -6.29 -21.48
C LEU A 138 -15.38 -7.05 -22.26
N PHE A 139 -15.71 -8.29 -22.63
CA PHE A 139 -14.79 -9.16 -23.35
C PHE A 139 -15.31 -9.58 -24.72
N GLU A 140 -14.36 -9.67 -25.65
CA GLU A 140 -14.60 -10.18 -26.98
C GLU A 140 -13.27 -10.78 -27.45
N GLY A 141 -13.35 -11.91 -28.14
CA GLY A 141 -12.16 -12.60 -28.64
C GLY A 141 -11.21 -13.00 -27.53
N GLU A 142 -11.77 -13.28 -26.36
CA GLU A 142 -11.03 -13.64 -25.15
C GLU A 142 -10.13 -12.51 -24.68
N ARG A 143 -10.48 -11.28 -25.05
CA ARG A 143 -9.72 -10.09 -24.70
C ARG A 143 -10.63 -9.07 -24.04
N ALA A 144 -10.11 -8.32 -23.07
CA ALA A 144 -10.86 -7.19 -22.51
C ALA A 144 -10.93 -6.13 -23.60
N VAL A 145 -12.14 -5.62 -23.89
CA VAL A 145 -12.31 -4.71 -25.03
C VAL A 145 -13.00 -3.41 -24.68
N GLY A 146 -13.60 -3.37 -23.49
CA GLY A 146 -14.26 -2.15 -23.04
C GLY A 146 -14.83 -2.28 -21.66
N VAL A 147 -15.62 -1.29 -21.27
CA VAL A 147 -16.29 -1.30 -19.98
C VAL A 147 -17.75 -0.86 -20.11
N ARG A 148 -18.59 -1.31 -19.18
CA ARG A 148 -19.91 -0.70 -18.97
C ARG A 148 -19.83 0.15 -17.73
N TYR A 149 -20.34 1.38 -17.81
CA TYR A 149 -20.38 2.29 -16.66
C TYR A 149 -21.69 3.06 -16.58
N ARG A 150 -21.92 3.70 -15.43
CA ARG A 150 -23.00 4.69 -15.29
C ARG A 150 -22.34 6.06 -15.18
N ASN A 151 -22.82 7.04 -15.95
CA ASN A 151 -22.29 8.40 -15.87
C ASN A 151 -22.89 9.16 -14.67
N THR A 152 -22.71 10.49 -14.64
CA THR A 152 -23.14 11.33 -13.52
C THR A 152 -24.63 11.17 -13.16
N GLU A 153 -25.49 11.14 -14.18
CA GLU A 153 -26.89 10.75 -13.98
C GLU A 153 -26.96 9.21 -13.94
N GLY A 154 -28.15 8.65 -13.73
CA GLY A 154 -28.27 7.19 -13.65
C GLY A 154 -27.98 6.40 -14.93
N VAL A 155 -27.40 7.08 -15.92
CA VAL A 155 -27.30 6.58 -17.31
C VAL A 155 -26.18 5.56 -17.55
N GLU A 156 -26.57 4.41 -18.10
CA GLU A 156 -25.66 3.31 -18.38
C GLU A 156 -25.07 3.41 -19.80
N LEU A 157 -23.75 3.53 -19.89
CA LEU A 157 -23.07 3.65 -21.19
C LEU A 157 -21.92 2.66 -21.39
N MET A 158 -21.24 2.77 -22.52
CA MET A 158 -20.08 1.92 -22.81
C MET A 158 -18.93 2.68 -23.47
N ALA A 159 -17.72 2.15 -23.30
CA ALA A 159 -16.53 2.68 -23.96
C ALA A 159 -15.56 1.54 -24.26
N HIS A 160 -14.74 1.71 -25.30
CA HIS A 160 -13.85 0.65 -25.77
C HIS A 160 -12.42 1.11 -25.86
N ALA A 161 -11.47 0.18 -25.72
CA ALA A 161 -10.04 0.49 -25.77
C ALA A 161 -9.24 -0.77 -26.00
N ARG A 162 -7.98 -0.60 -26.40
CA ARG A 162 -7.08 -1.74 -26.54
C ARG A 162 -6.68 -2.35 -25.17
N PHE A 163 -6.62 -1.50 -24.14
CA PHE A 163 -6.22 -1.91 -22.80
C PHE A 163 -7.18 -1.38 -21.75
N ILE A 164 -7.56 -2.24 -20.81
CA ILE A 164 -8.40 -1.87 -19.68
C ILE A 164 -7.60 -2.18 -18.41
N VAL A 165 -7.50 -1.21 -17.50
CA VAL A 165 -6.77 -1.43 -16.24
C VAL A 165 -7.63 -1.14 -15.01
N ASP A 166 -7.71 -2.11 -14.11
CA ASP A 166 -8.38 -1.96 -12.82
C ASP A 166 -7.43 -1.33 -11.83
N ALA A 167 -7.70 -0.08 -11.48
CA ALA A 167 -7.00 0.64 -10.44
C ALA A 167 -8.05 1.08 -9.43
N SER A 168 -9.06 0.25 -9.24
CA SER A 168 -10.21 0.69 -8.44
C SER A 168 -10.11 0.29 -6.97
N GLY A 169 -8.90 -0.07 -6.53
CA GLY A 169 -8.64 -0.21 -5.11
C GLY A 169 -9.23 -1.46 -4.49
N ASN A 170 -9.29 -1.50 -3.17
CA ASN A 170 -9.59 -2.76 -2.47
C ASN A 170 -11.03 -3.23 -2.69
N ARG A 171 -11.93 -2.29 -2.99
CA ARG A 171 -13.32 -2.63 -3.24
C ARG A 171 -13.60 -2.88 -4.73
N THR A 172 -12.58 -3.19 -5.52
CA THR A 172 -12.78 -3.49 -6.94
C THR A 172 -13.90 -4.50 -7.14
N ARG A 173 -14.73 -4.25 -8.15
CA ARG A 173 -15.79 -5.17 -8.51
C ARG A 173 -15.49 -5.92 -9.81
N VAL A 174 -14.29 -5.71 -10.36
CA VAL A 174 -13.93 -6.29 -11.65
C VAL A 174 -12.66 -7.15 -11.67
N SER A 175 -11.93 -7.18 -10.56
CA SER A 175 -10.64 -7.89 -10.54
C SER A 175 -10.75 -9.39 -10.80
N GLN A 176 -11.90 -9.97 -10.48
CA GLN A 176 -12.10 -11.42 -10.70
C GLN A 176 -12.04 -11.84 -12.17
N ALA A 177 -12.15 -10.86 -13.07
CA ALA A 177 -11.96 -11.10 -14.48
C ALA A 177 -10.51 -11.44 -14.82
N VAL A 178 -9.56 -11.03 -13.97
CA VAL A 178 -8.14 -11.34 -14.21
C VAL A 178 -7.63 -12.53 -13.37
N GLY A 179 -7.96 -12.57 -12.09
CA GLY A 179 -7.45 -13.61 -11.19
C GLY A 179 -8.27 -13.75 -9.92
N GLU A 180 -7.90 -14.72 -9.09
CA GLU A 180 -8.55 -14.92 -7.80
C GLU A 180 -7.78 -14.16 -6.71
N ARG A 181 -8.49 -13.45 -5.86
CA ARG A 181 -7.81 -12.79 -4.74
C ARG A 181 -7.62 -13.85 -3.63
N VAL A 182 -6.39 -13.97 -3.14
CA VAL A 182 -6.02 -14.95 -2.12
C VAL A 182 -5.55 -14.18 -0.87
N TYR A 183 -6.23 -14.37 0.26
CA TYR A 183 -5.90 -13.69 1.50
C TYR A 183 -4.71 -14.33 2.23
N SER A 184 -3.85 -13.48 2.78
CA SER A 184 -2.77 -13.91 3.66
C SER A 184 -3.31 -14.31 5.01
N ARG A 185 -2.87 -15.45 5.52
CA ARG A 185 -3.24 -15.86 6.88
C ARG A 185 -2.41 -15.18 7.98
N PHE A 186 -1.26 -14.64 7.61
CA PHE A 186 -0.38 -13.95 8.55
C PHE A 186 -0.93 -12.58 8.95
N PHE A 187 -1.25 -11.74 7.96
CA PHE A 187 -1.72 -10.39 8.22
C PHE A 187 -3.24 -10.35 8.36
N GLN A 188 -3.75 -11.19 9.27
CA GLN A 188 -5.18 -11.30 9.51
C GLN A 188 -5.56 -10.29 10.58
N ASN A 189 -5.50 -9.01 10.19
CA ASN A 189 -5.63 -7.90 11.10
C ASN A 189 -6.77 -7.00 10.66
N VAL A 190 -7.28 -6.19 11.61
CA VAL A 190 -8.23 -5.15 11.32
C VAL A 190 -7.67 -3.82 11.83
N ALA A 191 -7.79 -2.77 11.03
CA ALA A 191 -7.39 -1.43 11.48
C ALA A 191 -8.63 -0.63 11.88
N LEU A 192 -8.51 0.11 12.98
CA LEU A 192 -9.58 0.95 13.50
C LEU A 192 -8.97 2.32 13.68
N TYR A 193 -9.47 3.32 12.97
CA TYR A 193 -8.77 4.60 12.93
C TYR A 193 -9.65 5.85 12.95
N GLY A 194 -9.15 6.90 13.58
CA GLY A 194 -9.79 8.21 13.57
C GLY A 194 -8.80 9.36 13.47
N TYR A 195 -9.28 10.56 13.71
CA TYR A 195 -8.44 11.75 13.61
C TYR A 195 -8.55 12.62 14.84
N PHE A 196 -7.40 13.15 15.26
CA PHE A 196 -7.33 13.90 16.51
C PHE A 196 -6.73 15.29 16.25
N GLU A 197 -7.24 16.28 16.98
CA GLU A 197 -6.72 17.64 16.89
C GLU A 197 -5.93 17.99 18.14
N ASN A 198 -4.78 18.66 17.94
CA ASN A 198 -3.96 19.24 19.01
C ASN A 198 -3.14 18.24 19.81
N GLY A 199 -2.79 17.12 19.18
CA GLY A 199 -1.95 16.10 19.80
C GLY A 199 -0.48 16.47 19.74
N LYS A 200 0.31 15.81 20.58
CA LYS A 200 1.73 16.10 20.67
C LYS A 200 2.48 15.60 19.45
N ARG A 201 3.75 15.97 19.37
CA ARG A 201 4.61 15.60 18.27
C ARG A 201 5.91 14.97 18.77
N LEU A 202 6.58 14.23 17.88
CA LEU A 202 7.91 13.68 18.17
C LEU A 202 8.93 14.80 18.35
N PRO A 203 10.00 14.52 19.14
CA PRO A 203 10.99 15.53 19.52
C PRO A 203 11.90 15.98 18.38
N ALA A 204 12.91 16.78 18.73
CA ALA A 204 14.06 17.10 17.86
C ALA A 204 13.59 17.74 16.55
N PRO A 205 14.24 17.41 15.41
CA PRO A 205 13.68 17.82 14.12
C PRO A 205 12.74 16.76 13.52
N ARG A 206 12.22 15.87 14.36
CA ARG A 206 11.47 14.70 13.90
C ARG A 206 9.96 14.82 14.06
N GLN A 207 9.47 16.05 14.19
CA GLN A 207 8.04 16.30 14.42
C GLN A 207 7.15 15.66 13.36
N GLY A 208 7.67 15.53 12.13
CA GLY A 208 6.89 15.09 10.98
C GLY A 208 7.06 13.62 10.65
N ASN A 209 7.87 12.92 11.44
CA ASN A 209 8.04 11.49 11.33
C ASN A 209 6.76 10.75 11.69
N ILE A 210 6.57 9.58 11.10
CA ILE A 210 5.55 8.66 11.55
C ILE A 210 6.02 7.98 12.83
N LEU A 211 5.08 7.76 13.74
CA LEU A 211 5.31 6.95 14.92
C LEU A 211 4.42 5.71 14.86
N SER A 212 5.04 4.53 15.06
CA SER A 212 4.30 3.28 15.18
C SER A 212 4.69 2.63 16.49
N ALA A 213 3.68 2.17 17.23
CA ALA A 213 3.89 1.68 18.58
C ALA A 213 3.11 0.39 18.90
N ALA A 214 3.84 -0.67 19.19
CA ALA A 214 3.27 -1.94 19.61
C ALA A 214 2.75 -1.89 21.05
N PHE A 215 1.62 -2.55 21.28
CA PHE A 215 1.09 -2.76 22.64
C PHE A 215 0.54 -4.19 22.74
N GLN A 216 -0.20 -4.52 23.79
CA GLN A 216 -0.50 -5.93 24.03
C GLN A 216 -1.39 -6.56 22.97
N ASP A 217 -2.28 -5.76 22.37
CA ASP A 217 -3.30 -6.29 21.44
C ASP A 217 -3.02 -5.92 19.97
N GLY A 218 -1.85 -5.36 19.69
CA GLY A 218 -1.51 -4.96 18.32
C GLY A 218 -0.59 -3.77 18.30
N TRP A 219 -0.83 -2.85 17.38
CA TRP A 219 0.02 -1.66 17.27
C TRP A 219 -0.74 -0.46 16.74
N PHE A 220 -0.21 0.72 17.03
CA PHE A 220 -0.79 1.99 16.61
C PHE A 220 0.08 2.66 15.57
N TRP A 221 -0.55 3.35 14.62
CA TRP A 221 0.15 4.39 13.86
C TRP A 221 -0.30 5.76 14.35
N TYR A 222 0.56 6.75 14.15
CA TYR A 222 0.36 8.13 14.64
C TYR A 222 1.04 9.03 13.62
N ILE A 223 0.24 9.57 12.71
CA ILE A 223 0.76 10.30 11.56
C ILE A 223 0.32 11.76 11.67
N PRO A 224 1.28 12.69 11.76
CA PRO A 224 0.92 14.11 11.75
C PRO A 224 0.60 14.58 10.34
N LEU A 225 -0.58 15.16 10.17
CA LEU A 225 -1.03 15.66 8.86
C LEU A 225 -0.87 17.18 8.74
N SER A 226 -0.98 17.86 9.87
CA SER A 226 -0.65 19.28 9.98
C SER A 226 -0.16 19.55 11.40
N ASP A 227 -0.03 20.83 11.74
CA ASP A 227 0.34 21.21 13.10
C ASP A 227 -0.74 20.76 14.08
N THR A 228 -1.99 20.80 13.63
CA THR A 228 -3.13 20.43 14.47
C THR A 228 -3.67 19.00 14.26
N LEU A 229 -3.53 18.45 13.05
CA LEU A 229 -4.23 17.20 12.74
C LEU A 229 -3.34 15.97 12.74
N THR A 230 -3.80 14.93 13.42
CA THR A 230 -3.13 13.62 13.46
C THR A 230 -4.07 12.45 13.13
N SER A 231 -3.60 11.60 12.20
CA SER A 231 -4.25 10.32 11.90
C SER A 231 -3.77 9.28 12.90
N VAL A 232 -4.70 8.56 13.50
CA VAL A 232 -4.35 7.61 14.55
C VAL A 232 -5.15 6.32 14.39
N GLY A 233 -4.44 5.21 14.27
CA GLY A 233 -5.09 3.93 14.01
C GLY A 233 -4.50 2.81 14.81
N ALA A 234 -5.39 1.94 15.30
CA ALA A 234 -5.00 0.70 15.97
C ALA A 234 -5.17 -0.46 15.00
N VAL A 235 -4.10 -1.24 14.85
CA VAL A 235 -4.11 -2.44 14.01
C VAL A 235 -4.12 -3.61 15.01
N VAL A 236 -5.25 -4.32 15.07
CA VAL A 236 -5.47 -5.40 16.04
C VAL A 236 -5.89 -6.69 15.31
N SER A 237 -6.15 -7.77 16.05
CA SER A 237 -6.55 -9.04 15.44
C SER A 237 -7.95 -8.96 14.84
N ARG A 238 -8.13 -9.64 13.71
CA ARG A 238 -9.44 -9.83 13.08
C ARG A 238 -10.48 -10.34 14.09
N GLU A 239 -10.04 -11.20 15.00
CA GLU A 239 -10.92 -11.78 16.04
C GLU A 239 -11.45 -10.73 17.01
N ALA A 240 -10.60 -9.76 17.35
CA ALA A 240 -10.98 -8.66 18.24
C ALA A 240 -12.07 -7.78 17.63
N ALA A 241 -12.03 -7.62 16.31
CA ALA A 241 -12.99 -6.78 15.59
C ALA A 241 -14.42 -7.22 15.77
N GLU A 242 -14.63 -8.54 15.80
CA GLU A 242 -15.97 -9.12 15.90
C GLU A 242 -16.61 -8.86 17.26
N ALA A 243 -15.97 -7.97 18.03
CA ALA A 243 -16.47 -7.53 19.34
C ALA A 243 -16.12 -6.05 19.61
N ILE A 244 -15.68 -5.35 18.58
CA ILE A 244 -15.53 -3.90 18.65
C ILE A 244 -16.75 -3.23 18.01
N LYS A 245 -17.60 -4.04 17.38
CA LYS A 245 -18.82 -3.55 16.71
C LYS A 245 -19.83 -3.07 17.76
N ASP A 246 -20.68 -2.12 17.36
CA ASP A 246 -21.55 -1.39 18.29
C ASP A 246 -20.73 -0.83 19.45
N GLY A 247 -19.77 0.05 19.10
CA GLY A 247 -18.85 0.64 20.04
C GLY A 247 -17.51 0.90 19.40
N HIS A 248 -17.54 1.51 18.21
CA HIS A 248 -16.34 1.89 17.47
C HIS A 248 -15.47 2.83 18.27
N GLU A 249 -16.06 3.95 18.71
CA GLU A 249 -15.34 4.99 19.42
C GLU A 249 -14.77 4.47 20.74
N ALA A 250 -15.59 3.72 21.47
CA ALA A 250 -15.22 3.19 22.79
C ALA A 250 -14.09 2.17 22.70
N ALA A 251 -14.08 1.39 21.62
CA ALA A 251 -13.01 0.42 21.36
C ALA A 251 -11.67 1.10 21.12
N LEU A 252 -11.65 2.13 20.29
CA LEU A 252 -10.40 2.82 19.99
C LEU A 252 -9.89 3.59 21.20
N LEU A 253 -10.80 4.30 21.88
CA LEU A 253 -10.44 5.06 23.07
C LEU A 253 -9.80 4.18 24.13
N ARG A 254 -10.40 3.02 24.37
CA ARG A 254 -9.84 2.02 25.26
C ARG A 254 -8.50 1.46 24.80
N TYR A 255 -8.32 1.29 23.49
CA TYR A 255 -7.03 0.86 22.95
C TYR A 255 -5.96 1.94 23.16
N ILE A 256 -6.36 3.20 22.96
CA ILE A 256 -5.45 4.32 23.17
C ILE A 256 -4.91 4.32 24.60
N ASP A 257 -5.81 4.21 25.57
CA ASP A 257 -5.46 4.16 26.99
C ASP A 257 -4.44 3.05 27.30
N ARG A 258 -4.44 1.98 26.51
CA ARG A 258 -3.60 0.81 26.79
C ARG A 258 -2.24 0.87 26.09
N CYS A 259 -1.98 1.97 25.40
CA CYS A 259 -0.68 2.15 24.75
C CYS A 259 -0.03 3.45 25.26
N PRO A 260 0.85 3.34 26.28
CA PRO A 260 1.49 4.50 26.93
C PRO A 260 1.84 5.69 26.03
N ILE A 261 2.69 5.50 25.02
CA ILE A 261 3.10 6.61 24.16
C ILE A 261 1.91 7.29 23.46
N ILE A 262 0.95 6.49 23.00
CA ILE A 262 -0.23 7.02 22.32
C ILE A 262 -1.13 7.74 23.32
N LYS A 263 -1.30 7.15 24.51
CA LYS A 263 -2.06 7.78 25.59
C LYS A 263 -1.54 9.18 25.90
N GLU A 264 -0.22 9.30 26.04
CA GLU A 264 0.38 10.60 26.36
C GLU A 264 0.32 11.59 25.19
N TYR A 265 0.58 11.12 23.98
CA TYR A 265 0.55 12.01 22.83
C TYR A 265 -0.85 12.57 22.55
N LEU A 266 -1.88 11.85 22.99
CA LEU A 266 -3.26 12.29 22.75
C LEU A 266 -3.97 12.95 23.95
N ALA A 267 -3.30 12.93 25.09
CA ALA A 267 -3.83 13.60 26.30
C ALA A 267 -4.26 15.06 26.05
N PRO A 268 -3.43 15.86 25.35
CA PRO A 268 -3.87 17.23 25.02
C PRO A 268 -4.94 17.33 23.94
N ALA A 269 -5.27 16.19 23.34
CA ALA A 269 -6.02 16.19 22.08
C ALA A 269 -7.51 16.00 22.21
N THR A 270 -8.24 16.56 21.26
CA THR A 270 -9.66 16.30 21.10
C THR A 270 -9.87 15.61 19.76
N ARG A 271 -10.76 14.62 19.75
CA ARG A 271 -11.04 13.93 18.51
C ARG A 271 -11.94 14.79 17.63
N VAL A 272 -11.68 14.76 16.33
CA VAL A 272 -12.56 15.42 15.37
C VAL A 272 -13.90 14.70 15.36
N THR A 273 -14.99 15.47 15.43
CA THR A 273 -16.35 14.93 15.52
C THR A 273 -17.19 15.26 14.28
N THR A 274 -16.71 16.19 13.46
CA THR A 274 -17.44 16.61 12.25
C THR A 274 -16.57 16.52 10.99
N GLY A 275 -17.22 16.53 9.83
CA GLY A 275 -16.54 16.42 8.54
C GLY A 275 -16.05 15.01 8.26
N ASP A 276 -15.16 14.88 7.27
CA ASP A 276 -14.63 13.60 6.83
C ASP A 276 -13.71 12.95 7.87
N TYR A 277 -13.10 13.75 8.73
CA TYR A 277 -12.16 13.27 9.73
C TYR A 277 -12.82 13.04 11.10
N GLY A 278 -14.14 13.21 11.14
CA GLY A 278 -14.91 13.07 12.37
C GLY A 278 -15.43 11.68 12.58
N GLU A 279 -15.22 10.83 11.59
CA GLU A 279 -15.69 9.45 11.64
C GLU A 279 -14.54 8.53 12.06
N ILE A 280 -14.86 7.40 12.68
CA ILE A 280 -13.85 6.38 12.86
C ILE A 280 -14.18 5.15 12.01
N ARG A 281 -13.25 4.78 11.13
CA ARG A 281 -13.51 3.73 10.14
C ARG A 281 -12.86 2.41 10.53
N ILE A 282 -13.31 1.33 9.89
CA ILE A 282 -12.66 0.03 10.02
C ILE A 282 -12.23 -0.49 8.64
N ARG A 283 -11.05 -1.11 8.58
CA ARG A 283 -10.60 -1.86 7.42
C ARG A 283 -10.18 -3.27 7.85
N LYS A 284 -10.66 -4.25 7.12
CA LYS A 284 -10.54 -5.64 7.49
C LYS A 284 -10.19 -6.41 6.23
N ASP A 285 -9.60 -7.59 6.38
CA ASP A 285 -9.31 -8.45 5.24
C ASP A 285 -8.62 -7.67 4.12
N TYR A 286 -7.65 -6.83 4.51
CA TYR A 286 -6.92 -6.00 3.56
C TYR A 286 -5.66 -6.65 2.99
N SER A 287 -5.21 -7.77 3.56
CA SER A 287 -3.95 -8.38 3.08
C SER A 287 -4.22 -9.54 2.12
N TYR A 288 -3.75 -9.42 0.88
CA TYR A 288 -4.08 -10.39 -0.17
C TYR A 288 -3.20 -10.20 -1.37
N CYS A 289 -3.22 -11.20 -2.25
CA CYS A 289 -2.54 -11.11 -3.54
C CYS A 289 -3.43 -11.84 -4.54
N ASN A 290 -3.42 -11.39 -5.78
CA ASN A 290 -4.15 -12.06 -6.84
C ASN A 290 -3.32 -13.12 -7.55
N THR A 291 -3.98 -14.18 -8.03
CA THR A 291 -3.30 -15.26 -8.76
C THR A 291 -2.71 -14.80 -10.09
N SER A 292 -3.20 -13.66 -10.59
CA SER A 292 -2.70 -13.08 -11.83
C SER A 292 -2.93 -11.58 -11.80
N PHE A 293 -1.99 -10.82 -12.39
CA PHE A 293 -2.10 -9.35 -12.48
C PHE A 293 -2.48 -8.86 -13.89
N TRP A 294 -2.55 -9.77 -14.86
CA TRP A 294 -3.01 -9.43 -16.20
C TRP A 294 -3.60 -10.65 -16.93
N LYS A 295 -4.40 -10.42 -17.96
CA LYS A 295 -4.84 -11.56 -18.78
C LYS A 295 -4.61 -11.38 -20.28
N ASN A 296 -5.47 -10.61 -20.94
CA ASN A 296 -5.32 -10.26 -22.34
C ASN A 296 -6.12 -8.99 -22.49
N GLY A 297 -5.40 -7.87 -22.60
CA GLY A 297 -6.02 -6.55 -22.66
C GLY A 297 -6.42 -5.95 -21.32
N MET A 298 -6.19 -6.67 -20.22
CA MET A 298 -6.54 -6.15 -18.89
C MET A 298 -5.38 -6.34 -17.92
N ALA A 299 -5.26 -5.42 -16.97
CA ALA A 299 -4.27 -5.51 -15.89
C ALA A 299 -4.84 -4.98 -14.58
N LEU A 300 -4.23 -5.38 -13.45
CA LEU A 300 -4.62 -4.87 -12.13
C LEU A 300 -3.44 -4.11 -11.55
N VAL A 301 -3.72 -2.93 -11.01
CA VAL A 301 -2.66 -2.16 -10.35
C VAL A 301 -3.11 -1.76 -8.96
N GLY A 302 -2.15 -1.56 -8.07
CA GLY A 302 -2.43 -1.06 -6.74
C GLY A 302 -3.21 -2.05 -5.90
N ASP A 303 -4.11 -1.55 -5.07
CA ASP A 303 -4.83 -2.38 -4.12
C ASP A 303 -5.76 -3.37 -4.83
N ALA A 304 -6.12 -3.09 -6.07
CA ALA A 304 -6.92 -4.04 -6.86
C ALA A 304 -6.16 -5.34 -7.04
N ALA A 305 -4.84 -5.26 -7.20
CA ALA A 305 -3.98 -6.42 -7.38
C ALA A 305 -3.56 -7.10 -6.06
N CYS A 306 -2.98 -6.31 -5.14
CA CYS A 306 -2.41 -6.88 -3.93
C CYS A 306 -2.15 -5.81 -2.90
N PHE A 307 -2.05 -6.23 -1.64
CA PHE A 307 -1.68 -5.34 -0.54
C PHE A 307 -1.08 -6.18 0.60
N VAL A 308 -0.05 -5.65 1.27
CA VAL A 308 0.55 -6.35 2.43
C VAL A 308 -0.07 -5.95 3.78
N ASP A 309 0.34 -4.81 4.33
CA ASP A 309 -0.03 -4.40 5.70
C ASP A 309 0.51 -2.98 5.88
N PRO A 310 -0.14 -2.16 6.72
CA PRO A 310 0.26 -0.75 6.85
C PRO A 310 1.63 -0.43 7.48
N VAL A 311 2.30 -1.40 8.13
CA VAL A 311 3.57 -1.03 8.76
C VAL A 311 4.63 -0.85 7.68
N PHE A 312 5.44 0.20 7.85
CA PHE A 312 6.38 0.69 6.83
C PHE A 312 5.78 1.33 5.56
N SER A 313 4.45 1.53 5.56
CA SER A 313 3.81 2.45 4.61
C SER A 313 4.16 2.22 3.14
N SER A 314 3.89 1.01 2.64
CA SER A 314 4.27 0.69 1.27
C SER A 314 3.16 0.75 0.24
N GLY A 315 1.92 1.00 0.67
CA GLY A 315 0.75 0.90 -0.19
C GLY A 315 0.79 1.82 -1.39
N VAL A 316 0.96 3.11 -1.15
CA VAL A 316 0.96 4.08 -2.26
C VAL A 316 2.16 3.88 -3.17
N HIS A 317 3.29 3.47 -2.61
CA HIS A 317 4.46 3.16 -3.41
C HIS A 317 4.17 2.00 -4.37
N LEU A 318 3.57 0.93 -3.86
CA LEU A 318 3.26 -0.24 -4.65
C LEU A 318 2.28 0.10 -5.78
N ALA A 319 1.25 0.87 -5.43
CA ALA A 319 0.27 1.34 -6.41
C ALA A 319 0.91 2.16 -7.53
N THR A 320 1.81 3.08 -7.17
CA THR A 320 2.43 3.99 -8.13
C THR A 320 3.54 3.30 -8.91
N TYR A 321 4.23 2.35 -8.28
CA TYR A 321 5.25 1.58 -8.98
C TYR A 321 4.60 0.65 -9.99
N SER A 322 3.52 -0.04 -9.60
CA SER A 322 2.79 -0.90 -10.54
C SER A 322 2.15 -0.10 -11.68
N ALA A 323 1.69 1.11 -11.39
CA ALA A 323 1.22 2.06 -12.42
C ALA A 323 2.29 2.37 -13.48
N LEU A 324 3.48 2.76 -13.05
CA LEU A 324 4.64 2.91 -13.94
C LEU A 324 4.96 1.68 -14.78
N LEU A 325 4.92 0.51 -14.16
CA LEU A 325 5.22 -0.74 -14.85
C LEU A 325 4.17 -1.07 -15.90
N VAL A 326 2.90 -0.79 -15.58
CA VAL A 326 1.83 -1.04 -16.53
C VAL A 326 1.91 0.01 -17.64
N ALA A 327 2.17 1.26 -17.25
CA ALA A 327 2.34 2.36 -18.22
C ALA A 327 3.41 2.03 -19.24
N ARG A 328 4.53 1.46 -18.79
CA ARG A 328 5.61 1.04 -19.69
C ARG A 328 5.22 -0.09 -20.62
N ALA A 329 4.43 -1.03 -20.12
CA ALA A 329 3.94 -2.11 -20.97
C ALA A 329 3.05 -1.53 -22.06
N ILE A 330 2.12 -0.66 -21.65
CA ILE A 330 1.16 -0.03 -22.55
C ILE A 330 1.83 0.92 -23.58
N ASN A 331 2.76 1.76 -23.10
CA ASN A 331 3.50 2.69 -23.98
C ASN A 331 4.41 1.97 -24.97
N THR A 332 4.90 0.79 -24.59
CA THR A 332 5.79 0.00 -25.44
C THR A 332 5.01 -0.82 -26.49
N CYS A 333 3.82 -1.28 -26.13
CA CYS A 333 2.96 -2.05 -27.02
C CYS A 333 2.22 -1.15 -28.02
N LEU A 334 1.80 0.04 -27.56
CA LEU A 334 1.14 1.01 -28.43
C LEU A 334 2.11 1.63 -29.43
N ALA A 335 3.40 1.34 -29.27
CA ALA A 335 4.44 1.77 -30.19
C ALA A 335 4.90 0.60 -31.07
N GLY A 336 4.18 -0.52 -31.02
CA GLY A 336 4.42 -1.68 -31.87
C GLY A 336 5.72 -2.42 -31.63
N GLU A 337 6.40 -2.10 -30.53
CA GLU A 337 7.62 -2.80 -30.16
C GLU A 337 7.34 -3.89 -29.13
N MET A 338 8.19 -4.92 -29.14
CA MET A 338 8.05 -6.12 -28.28
C MET A 338 6.73 -6.85 -28.53
N SER A 339 6.19 -7.48 -27.49
CA SER A 339 4.87 -8.11 -27.56
C SER A 339 4.13 -7.87 -26.26
N GLU A 340 2.81 -8.01 -26.29
CA GLU A 340 2.02 -7.87 -25.08
C GLU A 340 2.47 -8.85 -23.98
N GLN A 341 2.76 -10.09 -24.36
CA GLN A 341 3.20 -11.08 -23.40
C GLN A 341 4.52 -10.71 -22.71
N ARG A 342 5.52 -10.31 -23.49
CA ARG A 342 6.82 -9.92 -22.92
C ARG A 342 6.69 -8.75 -21.95
N CYS A 343 5.91 -7.76 -22.34
CA CYS A 343 5.77 -6.53 -21.55
C CYS A 343 4.92 -6.70 -20.27
N PHE A 344 3.83 -7.46 -20.35
CA PHE A 344 2.98 -7.66 -19.18
C PHE A 344 3.51 -8.76 -18.26
N GLU A 345 4.28 -9.70 -18.81
CA GLU A 345 5.00 -10.66 -17.99
C GLU A 345 6.09 -9.96 -17.17
N GLU A 346 6.73 -8.96 -17.77
CA GLU A 346 7.73 -8.15 -17.07
C GLU A 346 7.11 -7.32 -15.95
N PHE A 347 5.97 -6.72 -16.25
CA PHE A 347 5.19 -6.00 -15.27
C PHE A 347 4.88 -6.86 -14.02
N GLU A 348 4.26 -8.03 -14.21
CA GLU A 348 3.94 -8.93 -13.10
C GLU A 348 5.18 -9.40 -12.32
N ARG A 349 6.24 -9.73 -13.05
CA ARG A 349 7.48 -10.18 -12.44
C ARG A 349 8.06 -9.12 -11.50
N ARG A 350 8.22 -7.90 -11.99
CA ARG A 350 8.70 -6.76 -11.23
C ARG A 350 7.81 -6.41 -10.03
N TYR A 351 6.50 -6.41 -10.26
CA TYR A 351 5.51 -6.07 -9.24
C TYR A 351 5.53 -7.10 -8.09
N ARG A 352 5.53 -8.38 -8.43
CA ARG A 352 5.60 -9.47 -7.45
C ARG A 352 6.92 -9.41 -6.66
N ARG A 353 7.99 -8.97 -7.32
CA ARG A 353 9.29 -8.84 -6.67
C ARG A 353 9.24 -7.78 -5.57
N GLU A 354 8.66 -6.62 -5.88
CA GLU A 354 8.59 -5.54 -4.91
C GLU A 354 7.57 -5.84 -3.78
N TYR A 355 6.41 -6.40 -4.16
CA TYR A 355 5.41 -6.86 -3.19
C TYR A 355 5.99 -7.93 -2.26
N GLY A 356 6.71 -8.89 -2.86
CA GLY A 356 7.39 -9.98 -2.13
C GLY A 356 8.46 -9.51 -1.15
N ASN A 357 9.25 -8.53 -1.58
CA ASN A 357 10.25 -7.90 -0.72
C ASN A 357 9.64 -7.30 0.55
N PHE A 358 8.53 -6.58 0.40
CA PHE A 358 7.84 -6.03 1.55
C PHE A 358 7.15 -7.10 2.39
N TYR A 359 6.51 -8.07 1.73
CA TYR A 359 5.84 -9.15 2.43
C TYR A 359 6.82 -9.88 3.35
N GLN A 360 7.94 -10.29 2.77
CA GLN A 360 8.97 -11.04 3.48
C GLN A 360 9.51 -10.25 4.65
N PHE A 361 9.82 -8.99 4.42
CA PHE A 361 10.39 -8.17 5.47
C PHE A 361 9.40 -7.90 6.60
N LEU A 362 8.12 -7.72 6.25
CA LEU A 362 7.11 -7.41 7.27
C LEU A 362 6.79 -8.61 8.17
N VAL A 363 6.81 -9.83 7.61
CA VAL A 363 6.68 -11.06 8.40
C VAL A 363 7.81 -11.08 9.45
N ALA A 364 9.05 -10.89 9.01
CA ALA A 364 10.19 -10.85 9.95
C ALA A 364 10.08 -9.68 10.95
N PHE A 365 9.57 -8.53 10.51
CA PHE A 365 9.40 -7.37 11.39
C PHE A 365 8.35 -7.59 12.46
N TYR A 366 7.20 -8.16 12.08
CA TYR A 366 6.20 -8.59 13.06
C TYR A 366 6.79 -9.62 14.06
N ASP A 367 7.55 -10.58 13.54
CA ASP A 367 8.25 -11.61 14.33
C ASP A 367 9.20 -11.03 15.38
N MET A 368 9.82 -9.89 15.09
CA MET A 368 10.83 -9.34 15.99
C MET A 368 10.26 -8.67 17.25
N ASN A 369 8.99 -8.29 17.23
CA ASN A 369 8.40 -7.75 18.47
C ASN A 369 8.29 -8.82 19.56
N GLN A 370 8.90 -8.52 20.71
CA GLN A 370 8.84 -9.36 21.91
C GLN A 370 7.68 -8.92 22.80
N ASP A 371 6.70 -9.79 22.96
CA ASP A 371 5.61 -9.54 23.90
C ASP A 371 5.01 -10.90 24.27
N THR A 372 5.62 -11.53 25.26
CA THR A 372 5.38 -12.93 25.56
C THR A 372 4.01 -13.25 26.13
N ASP A 373 3.33 -12.24 26.66
CA ASP A 373 1.96 -12.45 27.14
C ASP A 373 0.87 -11.91 26.19
N SER A 374 1.27 -11.58 24.96
CA SER A 374 0.35 -11.10 23.95
C SER A 374 -0.10 -12.22 23.03
N TYR A 375 -1.42 -12.42 22.95
CA TYR A 375 -1.96 -13.37 21.98
C TYR A 375 -1.67 -12.89 20.55
N PHE A 376 -1.85 -11.60 20.30
CA PHE A 376 -1.63 -11.00 18.97
C PHE A 376 -0.21 -11.25 18.46
N TRP A 377 0.79 -10.87 19.25
CA TRP A 377 2.19 -11.06 18.83
C TRP A 377 2.64 -12.51 18.79
N SER A 378 2.19 -13.32 19.75
CA SER A 378 2.57 -14.75 19.77
C SER A 378 2.08 -15.50 18.52
N ALA A 379 0.96 -15.07 17.96
CA ALA A 379 0.42 -15.68 16.73
C ALA A 379 1.02 -15.09 15.44
N ARG A 380 1.83 -14.05 15.57
CA ARG A 380 2.49 -13.44 14.41
C ARG A 380 4.01 -13.60 14.48
N LYS A 381 4.41 -14.87 14.44
CA LYS A 381 5.81 -15.27 14.51
C LYS A 381 6.18 -16.11 13.30
N ILE A 382 7.45 -16.07 12.92
CA ILE A 382 7.95 -16.88 11.82
C ILE A 382 7.81 -18.35 12.17
N ILE A 383 7.25 -19.13 11.27
CA ILE A 383 7.06 -20.56 11.47
C ILE A 383 8.25 -21.28 10.86
N ASN A 384 9.12 -21.75 11.76
CA ASN A 384 10.42 -22.31 11.39
C ASN A 384 10.42 -23.84 11.22
N THR A 385 10.60 -24.58 12.32
CA THR A 385 10.78 -26.04 12.31
C THR A 385 12.15 -26.41 11.74
N GLU A 386 12.38 -26.08 10.46
CA GLU A 386 13.60 -26.47 9.74
C GLU A 386 14.84 -25.78 10.31
N GLU A 387 14.69 -24.56 10.83
CA GLU A 387 15.79 -23.89 11.50
C GLU A 387 16.09 -24.55 12.84
N ARG A 388 15.04 -25.02 13.52
CA ARG A 388 15.16 -25.68 14.80
C ARG A 388 15.82 -27.05 14.67
N ALA A 389 15.54 -27.74 13.57
CA ALA A 389 16.23 -28.98 13.22
C ALA A 389 17.72 -28.69 12.98
N ASN A 390 17.99 -27.64 12.20
CA ASN A 390 19.35 -27.17 11.94
C ASN A 390 20.14 -26.80 13.20
N GLU A 391 19.47 -26.12 14.14
CA GLU A 391 20.11 -25.69 15.39
C GLU A 391 20.47 -26.87 16.28
N ALA A 392 19.60 -27.89 16.30
CA ALA A 392 19.84 -29.11 17.06
C ALA A 392 21.02 -29.90 16.45
N PHE A 393 21.07 -29.94 15.13
CA PHE A 393 22.19 -30.58 14.43
C PHE A 393 23.49 -29.90 14.83
N VAL A 394 23.49 -28.58 14.81
CA VAL A 394 24.68 -27.79 15.04
C VAL A 394 25.11 -27.85 16.52
N ARG A 395 24.15 -27.89 17.42
CA ARG A 395 24.47 -28.10 18.83
C ARG A 395 25.19 -29.44 19.02
N LEU A 396 24.64 -30.50 18.44
CA LEU A 396 25.23 -31.83 18.53
C LEU A 396 26.69 -31.86 18.08
N ILE A 397 26.97 -31.33 16.89
CA ILE A 397 28.31 -31.44 16.31
C ILE A 397 29.32 -30.38 16.79
N ALA A 398 28.85 -29.48 17.65
CA ALA A 398 29.71 -28.56 18.40
C ALA A 398 30.10 -29.10 19.78
N GLY A 399 29.53 -30.24 20.16
CA GLY A 399 29.80 -30.85 21.45
C GLY A 399 28.84 -30.39 22.52
N ARG A 400 27.70 -29.82 22.10
CA ARG A 400 26.82 -29.06 23.01
C ARG A 400 25.42 -29.65 23.14
N SER A 401 25.25 -30.91 22.77
CA SER A 401 23.95 -31.57 22.89
C SER A 401 23.43 -31.66 24.33
N ASN A 402 24.33 -31.62 25.31
CA ASN A 402 23.89 -31.65 26.70
C ASN A 402 23.51 -30.26 27.21
N LEU A 403 22.20 -29.97 27.17
CA LEU A 403 21.66 -28.68 27.59
C LEU A 403 21.75 -28.44 29.10
N ASP A 404 22.00 -29.50 29.86
CA ASP A 404 22.18 -29.41 31.30
C ASP A 404 23.64 -29.15 31.69
N GLU A 405 24.51 -28.96 30.69
CA GLU A 405 25.93 -28.72 30.93
C GLU A 405 26.33 -27.25 30.76
N PRO A 406 26.44 -26.51 31.89
CA PRO A 406 26.72 -25.07 31.88
C PRO A 406 28.05 -24.70 31.25
N VAL A 407 29.03 -25.60 31.32
CA VAL A 407 30.33 -25.41 30.65
C VAL A 407 30.17 -25.34 29.13
N PHE A 408 29.11 -25.96 28.62
CA PHE A 408 28.84 -25.99 27.18
C PHE A 408 27.69 -25.06 26.76
N GLN A 409 27.01 -24.45 27.73
CA GLN A 409 25.80 -23.66 27.46
C GLN A 409 25.81 -22.23 28.02
N SER A 410 26.98 -21.60 28.08
CA SER A 410 27.10 -20.24 28.61
C SER A 410 27.22 -19.20 27.50
N ASN A 460 9.76 -18.83 6.68
CA ASN A 460 10.34 -19.30 5.43
C ASN A 460 10.06 -18.31 4.28
N PHE A 461 9.03 -18.59 3.47
CA PHE A 461 8.76 -17.80 2.27
C PHE A 461 7.27 -17.60 2.04
N MET A 462 6.86 -16.33 1.97
CA MET A 462 5.44 -15.95 1.81
C MET A 462 4.54 -16.61 2.87
N GLN A 463 5.01 -16.68 4.12
CA GLN A 463 4.24 -17.29 5.19
C GLN A 463 2.82 -16.76 5.26
N GLY A 464 1.86 -17.67 5.26
CA GLY A 464 0.44 -17.32 5.35
C GLY A 464 -0.30 -17.47 4.03
N PHE A 465 0.43 -17.86 2.98
CA PHE A 465 -0.15 -18.07 1.65
C PHE A 465 -0.21 -19.52 1.19
N THR A 466 -1.28 -19.80 0.43
CA THR A 466 -1.49 -21.05 -0.28
C THR A 466 -0.31 -21.34 -1.24
N ARG A 467 -0.25 -22.54 -1.83
CA ARG A 467 0.90 -22.91 -2.69
C ARG A 467 0.99 -22.12 -3.99
N GLU A 468 -0.17 -21.77 -4.55
CA GLU A 468 -0.24 -21.07 -5.84
C GLU A 468 0.41 -19.69 -5.78
N ILE A 469 0.05 -18.89 -4.77
CA ILE A 469 0.72 -17.60 -4.57
C ILE A 469 2.21 -17.80 -4.28
N THR A 470 2.55 -18.76 -3.42
CA THR A 470 3.94 -18.99 -3.04
C THR A 470 4.81 -19.31 -4.27
N GLU A 471 4.29 -20.16 -5.15
CA GLU A 471 5.02 -20.56 -6.35
C GLU A 471 5.23 -19.41 -7.32
N LEU A 472 4.16 -18.64 -7.58
CA LEU A 472 4.26 -17.41 -8.38
C LEU A 472 5.29 -16.44 -7.81
N GLN A 473 5.27 -16.27 -6.49
CA GLN A 473 6.22 -15.37 -5.85
C GLN A 473 7.64 -15.92 -5.94
N HIS A 474 7.80 -17.23 -5.80
CA HIS A 474 9.12 -17.85 -5.90
C HIS A 474 9.70 -17.65 -7.29
N LEU A 475 8.91 -17.91 -8.32
CA LEU A 475 9.34 -17.72 -9.72
C LEU A 475 9.79 -16.26 -9.98
N ALA A 476 9.01 -15.30 -9.51
CA ALA A 476 9.29 -13.89 -9.72
C ALA A 476 10.54 -13.41 -8.96
N MET A 477 10.69 -13.86 -7.71
CA MET A 477 11.79 -13.43 -6.86
C MET A 477 13.00 -14.34 -7.01
N PHE A 478 12.74 -15.60 -7.32
CA PHE A 478 13.69 -16.72 -7.20
C PHE A 478 14.23 -16.88 -5.78
N GLY A 479 13.32 -16.72 -4.81
CA GLY A 479 13.65 -16.69 -3.39
C GLY A 479 14.42 -15.43 -3.03
N LEU A 493 15.09 -6.21 -19.27
CA LEU A 493 14.53 -4.98 -19.83
C LEU A 493 14.97 -3.77 -19.03
N VAL A 494 15.21 -2.67 -19.74
CA VAL A 494 15.61 -1.41 -19.12
C VAL A 494 14.68 -0.32 -19.65
N PRO A 495 14.44 0.73 -18.84
CA PRO A 495 13.60 1.79 -19.37
C PRO A 495 14.27 2.58 -20.50
N SER A 496 13.44 3.10 -21.41
CA SER A 496 13.86 4.09 -22.39
C SER A 496 14.42 5.33 -21.68
N ARG A 497 15.21 6.12 -22.41
CA ARG A 497 15.71 7.40 -21.90
C ARG A 497 14.59 8.19 -21.21
N ASP A 498 13.39 8.13 -21.80
CA ASP A 498 12.22 8.81 -21.27
C ASP A 498 11.77 8.24 -19.93
N GLY A 499 12.02 6.94 -19.73
CA GLY A 499 11.56 6.22 -18.55
C GLY A 499 10.08 5.87 -18.60
N LEU A 500 9.46 6.12 -19.76
CA LEU A 500 8.02 5.93 -19.95
C LEU A 500 7.67 4.64 -20.69
N ALA A 501 8.68 3.97 -21.22
CA ALA A 501 8.51 2.69 -21.94
C ALA A 501 9.74 1.81 -21.74
N TRP A 502 9.74 0.62 -22.34
CA TRP A 502 10.87 -0.31 -22.26
C TRP A 502 11.79 -0.22 -23.48
N ALA A 503 13.10 -0.37 -23.24
CA ALA A 503 14.10 -0.25 -24.32
C ALA A 503 14.31 -1.54 -25.09
#